data_8G83
#
_entry.id   8G83
#
_cell.length_a   44.200
_cell.length_b   76.188
_cell.length_c   97.330
_cell.angle_alpha   90.000
_cell.angle_beta   90.000
_cell.angle_gamma   90.000
#
_symmetry.space_group_name_H-M   'P 21 21 21'
#
loop_
_entity.id
_entity.type
_entity.pdbx_description
1 polymer 'NAD(+) hydrolase AbTIR'
2 water water
#
_entity_poly.entity_id   1
_entity_poly.type   'polypeptide(L)'
_entity_poly.pdbx_seq_one_letter_code
;HMSAWSHPQFEKGGGSGGGSGGSAWSHPQFEKGGGSSGGGASEYDLFISHASEDKEDFVRPLAETLQQLGVNVWYDEFTL
KVGDSLRQKIDSGLRNSKYGTVVLSTDFIKKDWTNYELDGLVAREMNGHKMILPIWHKITKNDVLDYSPNLADKVALNTS
VNSIEEIAHQLADVILNRHHHHHH
;
_entity_poly.pdbx_strand_id   A,B
#
# COMPACT_ATOMS: atom_id res chain seq x y z
N ALA A 41 -17.59 25.89 8.15
CA ALA A 41 -17.90 27.25 7.74
C ALA A 41 -17.82 27.41 6.23
N SER A 42 -18.30 26.43 5.47
CA SER A 42 -18.15 26.50 4.02
C SER A 42 -19.28 25.75 3.34
N GLU A 43 -19.26 25.75 2.00
CA GLU A 43 -20.30 25.13 1.20
C GLU A 43 -19.98 23.66 0.89
N TYR A 44 -18.78 23.38 0.39
CA TYR A 44 -18.38 22.00 0.15
C TYR A 44 -18.20 21.26 1.47
N ASP A 45 -18.59 19.98 1.48
CA ASP A 45 -18.47 19.19 2.70
C ASP A 45 -17.05 18.64 2.87
N LEU A 46 -16.44 18.14 1.79
CA LEU A 46 -15.11 17.54 1.89
C LEU A 46 -14.35 17.74 0.59
N PHE A 47 -13.04 17.91 0.72
CA PHE A 47 -12.11 17.94 -0.41
C PHE A 47 -11.01 16.93 -0.16
N ILE A 48 -10.50 16.34 -1.25
CA ILE A 48 -9.52 15.27 -1.15
C ILE A 48 -8.25 15.69 -1.89
N SER A 49 -7.17 15.85 -1.14
CA SER A 49 -5.87 16.04 -1.75
C SER A 49 -5.30 14.67 -2.10
N HIS A 50 -4.63 14.59 -3.24
CA HIS A 50 -4.15 13.32 -3.72
C HIS A 50 -2.97 13.55 -4.66
N ALA A 51 -2.36 12.47 -5.11
CA ALA A 51 -1.38 12.49 -6.18
C ALA A 51 -2.05 12.19 -7.51
N SER A 52 -1.38 12.58 -8.59
CA SER A 52 -1.93 12.40 -9.92
C SER A 52 -2.19 10.93 -10.22
N GLU A 53 -1.40 10.02 -9.63
CA GLU A 53 -1.53 8.61 -9.94
C GLU A 53 -2.73 7.97 -9.27
N ASP A 54 -3.21 8.54 -8.17
CA ASP A 54 -4.37 7.99 -7.47
C ASP A 54 -5.66 8.70 -7.83
N LYS A 55 -5.64 9.62 -8.79
CA LYS A 55 -6.84 10.38 -9.13
C LYS A 55 -7.90 9.47 -9.73
N GLU A 56 -7.60 8.84 -10.86
CA GLU A 56 -8.60 7.99 -11.50
C GLU A 56 -8.66 6.61 -10.86
N ASP A 57 -7.55 6.13 -10.30
CA ASP A 57 -7.52 4.81 -9.68
C ASP A 57 -8.33 4.75 -8.39
N PHE A 58 -8.23 5.78 -7.55
CA PHE A 58 -8.80 5.70 -6.22
C PHE A 58 -9.66 6.89 -5.84
N VAL A 59 -9.16 8.12 -6.02
CA VAL A 59 -9.91 9.29 -5.56
C VAL A 59 -11.24 9.38 -6.30
N ARG A 60 -11.25 9.09 -7.60
CA ARG A 60 -12.51 9.19 -8.33
C ARG A 60 -13.57 8.24 -7.80
N PRO A 61 -13.34 6.93 -7.70
CA PRO A 61 -14.38 6.04 -7.15
C PRO A 61 -14.76 6.39 -5.71
N LEU A 62 -13.80 6.79 -4.89
CA LEU A 62 -14.11 7.16 -3.51
C LEU A 62 -15.02 8.38 -3.46
N ALA A 63 -14.69 9.41 -4.23
CA ALA A 63 -15.53 10.61 -4.27
C ALA A 63 -16.92 10.27 -4.80
N GLU A 64 -16.98 9.38 -5.79
CA GLU A 64 -18.26 8.96 -6.35
C GLU A 64 -19.11 8.29 -5.28
N THR A 65 -18.50 7.41 -4.50
CA THR A 65 -19.20 6.77 -3.38
C THR A 65 -19.65 7.81 -2.36
N LEU A 66 -18.79 8.77 -2.07
CA LEU A 66 -19.13 9.77 -1.07
C LEU A 66 -20.32 10.60 -1.52
N GLN A 67 -20.42 10.89 -2.82
CA GLN A 67 -21.59 11.57 -3.32
C GLN A 67 -22.83 10.67 -3.24
N GLN A 68 -22.64 9.35 -3.43
CA GLN A 68 -23.77 8.45 -3.25
C GLN A 68 -24.24 8.42 -1.81
N LEU A 69 -23.40 8.85 -0.86
CA LEU A 69 -23.79 8.93 0.55
C LEU A 69 -24.05 10.36 0.99
N GLY A 70 -24.49 11.21 0.07
CA GLY A 70 -24.89 12.57 0.38
C GLY A 70 -23.84 13.45 1.00
N VAL A 71 -22.64 13.45 0.43
CA VAL A 71 -21.54 14.27 0.91
C VAL A 71 -21.04 15.10 -0.28
N ASN A 72 -21.15 16.42 -0.18
CA ASN A 72 -20.65 17.29 -1.23
C ASN A 72 -19.13 17.20 -1.23
N VAL A 73 -18.56 16.55 -2.25
CA VAL A 73 -17.14 16.29 -2.30
C VAL A 73 -16.60 16.72 -3.65
N TRP A 74 -15.49 17.44 -3.63
CA TRP A 74 -14.78 17.84 -4.83
C TRP A 74 -13.29 17.58 -4.62
N TYR A 75 -12.67 17.04 -5.65
CA TYR A 75 -11.27 16.68 -5.61
C TYR A 75 -10.53 17.13 -6.85
N ASP A 76 -11.25 17.55 -7.90
CA ASP A 76 -10.66 17.67 -9.22
C ASP A 76 -9.54 18.70 -9.25
N GLU A 77 -9.63 19.76 -8.46
CA GLU A 77 -8.66 20.83 -8.46
C GLU A 77 -7.54 20.66 -7.45
N PHE A 78 -7.53 19.57 -6.69
CA PHE A 78 -6.57 19.40 -5.61
C PHE A 78 -5.57 18.29 -5.88
N THR A 79 -5.39 17.93 -7.14
CA THR A 79 -4.31 17.01 -7.50
C THR A 79 -2.96 17.64 -7.25
N LEU A 80 -2.06 16.91 -6.61
CA LEU A 80 -0.74 17.40 -6.27
C LEU A 80 0.23 16.86 -7.32
N LYS A 81 0.63 17.72 -8.24
CA LYS A 81 1.65 17.39 -9.23
C LYS A 81 3.04 17.70 -8.69
N VAL A 82 4.05 17.17 -9.38
CA VAL A 82 5.41 17.44 -8.95
C VAL A 82 5.68 18.94 -9.01
N GLY A 83 6.41 19.44 -8.02
CA GLY A 83 6.70 20.85 -7.91
C GLY A 83 5.59 21.71 -7.37
N ASP A 84 4.46 21.13 -7.00
CA ASP A 84 3.33 21.88 -6.45
C ASP A 84 3.58 22.15 -4.98
N SER A 85 2.87 23.13 -4.45
CA SER A 85 2.95 23.45 -3.03
C SER A 85 1.79 22.78 -2.32
N LEU A 86 2.10 21.82 -1.43
CA LEU A 86 1.03 21.16 -0.70
C LEU A 86 0.30 22.14 0.20
N ARG A 87 1.05 23.00 0.91
CA ARG A 87 0.42 23.95 1.82
C ARG A 87 -0.56 24.85 1.09
N GLN A 88 -0.17 25.35 -0.09
CA GLN A 88 -1.06 26.21 -0.86
C GLN A 88 -2.33 25.47 -1.23
N LYS A 89 -2.22 24.21 -1.67
CA LYS A 89 -3.39 23.44 -2.07
C LYS A 89 -4.31 23.20 -0.87
N ILE A 90 -3.73 22.82 0.27
CA ILE A 90 -4.53 22.48 1.44
C ILE A 90 -5.25 23.73 1.94
N ASP A 91 -4.55 24.85 2.01
CA ASP A 91 -5.19 26.08 2.48
C ASP A 91 -6.28 26.52 1.51
N SER A 92 -6.05 26.36 0.21
CA SER A 92 -7.08 26.67 -0.77
C SER A 92 -8.32 25.82 -0.56
N GLY A 93 -8.13 24.50 -0.41
CA GLY A 93 -9.26 23.62 -0.18
C GLY A 93 -10.00 23.93 1.10
N LEU A 94 -9.26 24.28 2.16
CA LEU A 94 -9.88 24.60 3.42
C LEU A 94 -10.65 25.91 3.35
N ARG A 95 -10.31 26.79 2.40
CA ARG A 95 -11.08 28.02 2.25
C ARG A 95 -12.54 27.74 1.92
N ASN A 96 -12.82 26.79 1.03
CA ASN A 96 -14.18 26.52 0.58
C ASN A 96 -14.77 25.21 1.08
N SER A 97 -14.07 24.45 1.92
CA SER A 97 -14.55 23.13 2.33
C SER A 97 -14.55 22.98 3.83
N LYS A 98 -15.59 22.30 4.35
CA LYS A 98 -15.72 22.11 5.79
C LYS A 98 -14.61 21.24 6.33
N TYR A 99 -14.28 20.18 5.60
CA TYR A 99 -13.27 19.22 6.03
C TYR A 99 -12.37 18.89 4.85
N GLY A 100 -11.21 18.33 5.17
CA GLY A 100 -10.29 17.89 4.14
C GLY A 100 -9.62 16.60 4.56
N THR A 101 -9.00 15.96 3.58
CA THR A 101 -8.25 14.74 3.84
C THR A 101 -7.20 14.58 2.75
N VAL A 102 -6.12 13.89 3.07
CA VAL A 102 -5.06 13.64 2.11
C VAL A 102 -4.97 12.13 1.85
N VAL A 103 -4.75 11.76 0.59
CA VAL A 103 -4.55 10.36 0.23
C VAL A 103 -3.03 10.16 0.26
N LEU A 104 -2.54 9.50 1.33
CA LEU A 104 -1.12 9.29 1.51
C LEU A 104 -0.70 8.07 0.72
N SER A 105 -0.02 8.29 -0.39
CA SER A 105 0.63 7.24 -1.14
C SER A 105 2.10 7.62 -1.21
N THR A 106 2.93 6.65 -1.58
CA THR A 106 4.34 6.95 -1.74
C THR A 106 4.52 8.08 -2.76
N ASP A 107 3.69 8.07 -3.80
CA ASP A 107 3.73 9.12 -4.81
C ASP A 107 3.49 10.47 -4.18
N PHE A 108 2.46 10.56 -3.33
CA PHE A 108 2.07 11.81 -2.72
C PHE A 108 3.23 12.43 -1.96
N ILE A 109 3.86 11.67 -1.08
CA ILE A 109 4.95 12.24 -0.30
C ILE A 109 6.14 12.55 -1.18
N LYS A 110 6.29 11.85 -2.29
CA LYS A 110 7.41 12.17 -3.18
C LYS A 110 7.22 13.51 -3.86
N LYS A 111 5.98 13.96 -4.06
CA LYS A 111 5.76 15.17 -4.84
C LYS A 111 6.44 16.41 -4.24
N ASP A 112 6.14 16.74 -2.99
CA ASP A 112 6.63 18.01 -2.41
C ASP A 112 8.02 17.83 -1.83
N TRP A 113 9.03 18.15 -2.65
CA TRP A 113 10.41 18.07 -2.21
C TRP A 113 10.72 19.11 -1.14
N THR A 114 10.05 20.27 -1.19
CA THR A 114 10.26 21.35 -0.24
C THR A 114 9.57 21.10 1.09
N ASN A 115 8.85 20.00 1.24
CA ASN A 115 8.03 19.77 2.42
C ASN A 115 8.88 19.04 3.45
N TYR A 116 9.36 19.78 4.44
CA TYR A 116 10.04 19.21 5.59
C TYR A 116 9.04 18.85 6.67
N GLU A 117 8.20 19.82 7.06
CA GLU A 117 7.21 19.64 8.10
C GLU A 117 5.85 19.28 7.49
N LEU A 118 5.76 18.02 7.03
CA LEU A 118 4.51 17.49 6.50
C LEU A 118 3.57 16.99 7.59
N ASP A 119 4.07 16.77 8.80
CA ASP A 119 3.21 16.23 9.85
C ASP A 119 2.09 17.19 10.20
N GLY A 120 2.37 18.49 10.22
CA GLY A 120 1.36 19.46 10.60
C GLY A 120 0.28 19.67 9.56
N LEU A 121 0.63 19.50 8.29
CA LEU A 121 -0.32 19.84 7.22
C LEU A 121 -1.55 18.96 7.24
N VAL A 122 -1.43 17.69 7.66
CA VAL A 122 -2.57 16.79 7.61
C VAL A 122 -3.56 17.00 8.76
N ALA A 123 -3.24 17.87 9.71
CA ALA A 123 -4.20 18.29 10.72
C ALA A 123 -4.37 19.80 10.73
N ARG A 124 -4.02 20.45 9.61
CA ARG A 124 -4.09 21.89 9.53
C ARG A 124 -5.52 22.36 9.77
N GLU A 125 -5.64 23.51 10.43
CA GLU A 125 -6.92 24.13 10.73
C GLU A 125 -6.87 25.54 10.19
N MET A 126 -7.92 25.93 9.47
CA MET A 126 -8.02 27.26 8.88
C MET A 126 -9.46 27.69 9.01
N ASN A 127 -9.69 28.89 9.54
CA ASN A 127 -11.04 29.36 9.83
C ASN A 127 -11.67 28.32 10.75
N GLY A 128 -12.84 27.78 10.42
CA GLY A 128 -13.43 26.75 11.26
C GLY A 128 -13.43 25.37 10.61
N HIS A 129 -12.42 25.13 9.79
CA HIS A 129 -12.29 23.89 9.03
C HIS A 129 -11.04 23.13 9.45
N LYS A 130 -11.11 21.81 9.35
CA LYS A 130 -10.04 20.94 9.84
C LYS A 130 -9.75 19.84 8.83
N MET A 131 -8.49 19.43 8.80
CA MET A 131 -8.04 18.32 7.97
C MET A 131 -8.18 17.05 8.81
N ILE A 132 -8.90 16.05 8.28
CA ILE A 132 -9.23 14.87 9.07
C ILE A 132 -8.91 13.59 8.33
N LEU A 133 -8.76 12.51 9.10
CA LEU A 133 -8.62 11.14 8.64
C LEU A 133 -7.72 10.97 7.43
N PRO A 134 -6.42 11.01 7.60
CA PRO A 134 -5.53 10.67 6.48
C PRO A 134 -5.85 9.26 5.98
N ILE A 135 -5.70 9.07 4.68
CA ILE A 135 -5.94 7.77 4.04
C ILE A 135 -4.61 7.24 3.55
N TRP A 136 -4.06 6.24 4.22
CA TRP A 136 -2.89 5.52 3.75
C TRP A 136 -3.30 4.68 2.56
N HIS A 137 -2.78 4.98 1.38
CA HIS A 137 -3.31 4.33 0.19
C HIS A 137 -2.33 3.27 -0.30
N LYS A 138 -1.23 3.69 -0.90
CA LYS A 138 -0.24 2.76 -1.43
C LYS A 138 1.12 3.20 -0.92
N ILE A 139 1.32 3.01 0.38
CA ILE A 139 2.49 3.51 1.08
C ILE A 139 3.05 2.40 1.95
N THR A 140 4.30 2.57 2.34
CA THR A 140 5.01 1.65 3.20
C THR A 140 5.09 2.27 4.59
N LYS A 141 5.18 1.42 5.62
CA LYS A 141 5.44 1.97 6.94
C LYS A 141 6.77 2.69 6.95
N ASN A 142 7.77 2.16 6.25
CA ASN A 142 9.08 2.79 6.21
C ASN A 142 9.03 4.14 5.51
N ASP A 143 8.25 4.24 4.42
CA ASP A 143 8.15 5.50 3.70
C ASP A 143 7.61 6.59 4.60
N VAL A 144 6.53 6.28 5.32
CA VAL A 144 5.95 7.22 6.27
C VAL A 144 6.95 7.55 7.36
N LEU A 145 7.65 6.53 7.87
CA LEU A 145 8.62 6.77 8.93
C LEU A 145 9.71 7.73 8.47
N ASP A 146 10.08 7.64 7.21
CA ASP A 146 11.12 8.52 6.69
C ASP A 146 10.62 9.96 6.57
N TYR A 147 9.51 10.19 5.87
CA TYR A 147 9.11 11.57 5.61
C TYR A 147 8.50 12.25 6.84
N SER A 148 7.44 11.70 7.40
CA SER A 148 6.79 12.28 8.58
C SER A 148 6.63 11.18 9.63
N PRO A 149 7.62 11.02 10.50
CA PRO A 149 7.51 9.96 11.52
C PRO A 149 6.33 10.12 12.44
N ASN A 150 5.89 11.35 12.70
CA ASN A 150 4.81 11.55 13.66
C ASN A 150 3.50 10.95 13.18
N LEU A 151 3.32 10.82 11.86
CA LEU A 151 2.09 10.28 11.30
C LEU A 151 1.93 8.78 11.56
N ALA A 152 3.01 8.07 11.87
CA ALA A 152 2.93 6.62 11.94
C ALA A 152 1.98 6.16 13.03
N ASP A 153 1.97 6.86 14.17
CA ASP A 153 1.11 6.46 15.28
C ASP A 153 -0.04 7.45 15.39
N LYS A 154 -0.66 7.78 14.26
CA LYS A 154 -1.79 8.69 14.20
C LYS A 154 -2.99 7.96 13.60
N VAL A 155 -4.18 8.40 13.97
CA VAL A 155 -5.40 7.76 13.50
C VAL A 155 -5.55 7.99 12.01
N ALA A 156 -5.67 6.90 11.25
CA ALA A 156 -5.78 6.97 9.81
C ALA A 156 -6.61 5.81 9.30
N LEU A 157 -6.86 5.80 7.99
CA LEU A 157 -7.55 4.73 7.29
C LEU A 157 -6.55 4.06 6.36
N ASN A 158 -6.76 2.78 6.05
CA ASN A 158 -5.82 2.02 5.23
C ASN A 158 -6.58 1.38 4.07
N THR A 159 -6.21 1.72 2.84
CA THR A 159 -6.92 1.12 1.73
C THR A 159 -6.54 -0.34 1.52
N SER A 160 -5.46 -0.82 2.17
CA SER A 160 -5.11 -2.23 2.09
C SER A 160 -6.02 -3.08 2.96
N VAL A 161 -6.41 -2.59 4.13
CA VAL A 161 -7.28 -3.36 5.01
C VAL A 161 -8.76 -3.03 4.84
N ASN A 162 -9.11 -1.89 4.25
CA ASN A 162 -10.48 -1.43 4.18
C ASN A 162 -10.88 -1.16 2.73
N SER A 163 -12.12 -1.50 2.40
CA SER A 163 -12.61 -1.28 1.04
C SER A 163 -13.07 0.18 0.87
N ILE A 164 -13.38 0.54 -0.37
CA ILE A 164 -13.79 1.92 -0.63
C ILE A 164 -15.09 2.24 0.08
N GLU A 165 -16.07 1.33 0.00
CA GLU A 165 -17.33 1.55 0.70
C GLU A 165 -17.09 1.62 2.21
N GLU A 166 -16.22 0.75 2.71
CA GLU A 166 -15.90 0.72 4.12
C GLU A 166 -15.31 2.06 4.55
N ILE A 167 -14.41 2.60 3.73
CA ILE A 167 -13.74 3.86 4.04
C ILE A 167 -14.73 5.01 3.97
N ALA A 168 -15.62 4.97 2.98
CA ALA A 168 -16.61 6.02 2.82
C ALA A 168 -17.57 6.06 4.00
N HIS A 169 -17.94 4.90 4.55
CA HIS A 169 -18.84 4.95 5.70
C HIS A 169 -18.18 5.64 6.88
N GLN A 170 -16.90 5.37 7.12
CA GLN A 170 -16.20 6.05 8.21
C GLN A 170 -16.18 7.54 7.97
N LEU A 171 -15.81 7.93 6.75
CA LEU A 171 -15.72 9.34 6.40
C LEU A 171 -17.07 10.04 6.54
N ALA A 172 -18.14 9.41 6.04
CA ALA A 172 -19.47 9.99 6.11
C ALA A 172 -20.01 10.01 7.53
N ASP A 173 -19.65 9.01 8.35
CA ASP A 173 -20.05 9.04 9.74
C ASP A 173 -19.52 10.30 10.40
N VAL A 174 -18.25 10.60 10.17
CA VAL A 174 -17.65 11.76 10.82
C VAL A 174 -18.21 13.06 10.24
N ILE A 175 -18.24 13.17 8.92
CA ILE A 175 -18.58 14.44 8.28
C ILE A 175 -20.04 14.81 8.54
N LEU A 176 -20.93 13.82 8.57
CA LEU A 176 -22.36 14.07 8.71
C LEU A 176 -22.90 13.81 10.09
N ASN A 177 -22.04 13.66 11.10
CA ASN A 177 -22.47 13.47 12.49
C ASN A 177 -23.51 12.37 12.63
N ARG A 178 -23.21 11.22 12.03
CA ARG A 178 -24.09 10.06 12.09
C ARG A 178 -23.79 9.18 13.31
N SER B 42 21.54 -23.00 -5.40
CA SER B 42 21.53 -24.40 -5.00
C SER B 42 20.64 -24.61 -3.78
N GLU B 43 21.23 -24.47 -2.60
CA GLU B 43 20.51 -24.64 -1.34
C GLU B 43 20.01 -23.30 -0.80
N TYR B 44 19.38 -22.50 -1.66
CA TYR B 44 18.87 -21.20 -1.24
C TYR B 44 17.74 -21.34 -0.23
N ASP B 45 17.70 -20.43 0.75
CA ASP B 45 16.71 -20.48 1.81
C ASP B 45 15.37 -19.86 1.39
N LEU B 46 15.41 -18.75 0.66
CA LEU B 46 14.20 -18.05 0.29
C LEU B 46 14.35 -17.41 -1.08
N PHE B 47 13.27 -17.36 -1.83
CA PHE B 47 13.20 -16.57 -3.04
C PHE B 47 11.96 -15.67 -2.95
N ILE B 48 12.04 -14.51 -3.59
CA ILE B 48 11.01 -13.50 -3.51
C ILE B 48 10.50 -13.24 -4.92
N SER B 49 9.27 -13.65 -5.19
CA SER B 49 8.62 -13.30 -6.44
C SER B 49 8.04 -11.91 -6.30
N HIS B 50 8.15 -11.13 -7.36
CA HIS B 50 7.71 -9.74 -7.24
C HIS B 50 7.44 -9.20 -8.63
N ALA B 51 6.92 -7.98 -8.66
CA ALA B 51 6.76 -7.24 -9.90
C ALA B 51 7.99 -6.36 -10.11
N SER B 52 8.21 -5.97 -11.35
CA SER B 52 9.39 -5.19 -11.68
C SER B 52 9.42 -3.89 -10.90
N GLU B 53 8.25 -3.36 -10.55
CA GLU B 53 8.17 -2.05 -9.90
C GLU B 53 8.58 -2.11 -8.44
N ASP B 54 8.49 -3.26 -7.78
CA ASP B 54 8.84 -3.36 -6.37
C ASP B 54 10.23 -3.92 -6.15
N LYS B 55 11.01 -4.15 -7.21
CA LYS B 55 12.30 -4.79 -7.07
C LYS B 55 13.26 -3.93 -6.26
N GLU B 56 13.60 -2.73 -6.75
CA GLU B 56 14.56 -1.89 -6.04
C GLU B 56 13.90 -1.11 -4.90
N ASP B 57 12.62 -0.78 -5.05
CA ASP B 57 11.92 0.00 -4.03
C ASP B 57 11.81 -0.77 -2.72
N PHE B 58 11.52 -2.07 -2.79
CA PHE B 58 11.23 -2.85 -1.59
C PHE B 58 11.98 -4.17 -1.53
N VAL B 59 11.96 -4.95 -2.61
CA VAL B 59 12.51 -6.31 -2.53
C VAL B 59 14.00 -6.27 -2.23
N ARG B 60 14.75 -5.38 -2.88
CA ARG B 60 16.20 -5.39 -2.67
C ARG B 60 16.57 -5.06 -1.23
N PRO B 61 16.07 -3.97 -0.63
CA PRO B 61 16.43 -3.71 0.78
C PRO B 61 16.01 -4.86 1.69
N LEU B 62 14.87 -5.48 1.40
CA LEU B 62 14.44 -6.61 2.20
C LEU B 62 15.40 -7.79 2.05
N ALA B 63 15.83 -8.07 0.83
CA ALA B 63 16.78 -9.17 0.63
C ALA B 63 18.10 -8.88 1.35
N GLU B 64 18.56 -7.64 1.29
CA GLU B 64 19.80 -7.29 2.00
C GLU B 64 19.60 -7.38 3.51
N THR B 65 18.46 -6.91 4.01
CA THR B 65 18.16 -7.02 5.43
C THR B 65 18.11 -8.47 5.86
N LEU B 66 17.55 -9.33 5.02
CA LEU B 66 17.47 -10.76 5.32
C LEU B 66 18.85 -11.40 5.30
N GLN B 67 19.71 -10.95 4.38
CA GLN B 67 21.08 -11.44 4.36
C GLN B 67 21.81 -11.07 5.64
N GLN B 68 21.48 -9.91 6.21
CA GLN B 68 22.10 -9.54 7.48
C GLN B 68 21.70 -10.47 8.63
N LEU B 69 20.61 -11.22 8.47
CA LEU B 69 20.19 -12.19 9.47
C LEU B 69 20.52 -13.62 9.04
N GLY B 70 21.57 -13.78 8.25
CA GLY B 70 22.01 -15.09 7.85
C GLY B 70 20.97 -15.89 7.09
N VAL B 71 20.32 -15.27 6.11
CA VAL B 71 19.28 -15.91 5.32
C VAL B 71 19.67 -15.80 3.85
N ASN B 72 19.92 -16.94 3.23
CA ASN B 72 20.26 -16.98 1.82
C ASN B 72 19.03 -16.68 0.98
N VAL B 73 18.99 -15.52 0.34
CA VAL B 73 17.83 -15.12 -0.45
C VAL B 73 18.32 -14.58 -1.78
N TRP B 74 17.68 -15.01 -2.86
CA TRP B 74 17.94 -14.50 -4.20
C TRP B 74 16.63 -14.12 -4.86
N TYR B 75 16.63 -12.99 -5.58
CA TYR B 75 15.43 -12.50 -6.22
C TYR B 75 15.60 -12.05 -7.66
N ASP B 76 16.84 -11.89 -8.16
CA ASP B 76 17.02 -11.20 -9.42
C ASP B 76 16.36 -11.95 -10.58
N GLU B 77 16.33 -13.27 -10.50
CA GLU B 77 15.83 -14.08 -11.60
C GLU B 77 14.34 -14.32 -11.51
N PHE B 78 13.67 -13.79 -10.49
CA PHE B 78 12.25 -14.04 -10.28
C PHE B 78 11.41 -12.78 -10.41
N THR B 79 11.93 -11.75 -11.05
CA THR B 79 11.10 -10.61 -11.39
C THR B 79 10.08 -11.07 -12.43
N LEU B 80 8.85 -10.60 -12.28
CA LEU B 80 7.75 -11.01 -13.13
C LEU B 80 7.56 -10.01 -14.26
N LYS B 81 7.86 -10.44 -15.49
CA LYS B 81 7.62 -9.58 -16.64
C LYS B 81 6.15 -9.67 -17.04
N VAL B 82 5.70 -8.68 -17.82
CA VAL B 82 4.29 -8.59 -18.17
C VAL B 82 3.81 -9.85 -18.90
N GLY B 83 4.64 -10.40 -19.76
CA GLY B 83 4.27 -11.59 -20.49
C GLY B 83 4.74 -12.91 -19.89
N ASP B 84 5.37 -12.88 -18.72
CA ASP B 84 5.88 -14.11 -18.13
C ASP B 84 4.76 -14.86 -17.43
N SER B 85 4.99 -16.17 -17.23
CA SER B 85 4.03 -17.04 -16.56
C SER B 85 4.41 -17.18 -15.09
N LEU B 86 3.53 -16.71 -14.21
CA LEU B 86 3.83 -16.72 -12.77
C LEU B 86 4.01 -18.14 -12.25
N ARG B 87 3.16 -19.07 -12.68
CA ARG B 87 3.24 -20.44 -12.20
C ARG B 87 4.61 -21.05 -12.51
N GLN B 88 5.10 -20.84 -13.73
CA GLN B 88 6.40 -21.39 -14.11
C GLN B 88 7.49 -20.86 -13.18
N LYS B 89 7.46 -19.55 -12.90
CA LYS B 89 8.47 -18.94 -12.05
C LYS B 89 8.43 -19.54 -10.64
N ILE B 90 7.24 -19.68 -10.09
CA ILE B 90 7.13 -20.15 -8.71
C ILE B 90 7.63 -21.58 -8.58
N ASP B 91 7.23 -22.46 -9.50
CA ASP B 91 7.68 -23.84 -9.38
C ASP B 91 9.19 -23.93 -9.58
N SER B 92 9.75 -23.12 -10.48
CA SER B 92 11.19 -23.12 -10.65
C SER B 92 11.89 -22.73 -9.35
N GLY B 93 11.46 -21.63 -8.74
CA GLY B 93 12.09 -21.20 -7.49
C GLY B 93 11.94 -22.24 -6.38
N LEU B 94 10.79 -22.90 -6.33
CA LEU B 94 10.55 -23.87 -5.27
C LEU B 94 11.43 -25.10 -5.42
N ARG B 95 11.86 -25.41 -6.65
CA ARG B 95 12.76 -26.55 -6.83
C ARG B 95 14.07 -26.35 -6.07
N ASN B 96 14.61 -25.12 -6.10
CA ASN B 96 15.94 -24.84 -5.55
C ASN B 96 15.91 -24.11 -4.21
N SER B 97 14.72 -23.81 -3.67
CA SER B 97 14.64 -23.02 -2.45
C SER B 97 13.78 -23.71 -1.40
N LYS B 98 14.22 -23.63 -0.15
CA LYS B 98 13.48 -24.22 0.95
C LYS B 98 12.14 -23.52 1.15
N TYR B 99 12.10 -22.19 0.99
CA TYR B 99 10.88 -21.43 1.20
C TYR B 99 10.69 -20.41 0.07
N GLY B 100 9.46 -19.90 -0.04
CA GLY B 100 9.16 -18.86 -1.02
C GLY B 100 8.12 -17.88 -0.53
N THR B 101 8.07 -16.72 -1.20
CA THR B 101 7.06 -15.70 -0.92
C THR B 101 6.88 -14.82 -2.13
N VAL B 102 5.70 -14.19 -2.22
CA VAL B 102 5.37 -13.26 -3.30
C VAL B 102 5.09 -11.90 -2.71
N VAL B 103 5.54 -10.85 -3.40
CA VAL B 103 5.24 -9.47 -3.01
C VAL B 103 4.00 -9.04 -3.78
N LEU B 104 2.87 -9.03 -3.10
CA LEU B 104 1.58 -8.74 -3.72
C LEU B 104 1.38 -7.24 -3.78
N SER B 105 1.51 -6.68 -4.97
CA SER B 105 1.17 -5.29 -5.23
C SER B 105 0.17 -5.25 -6.37
N THR B 106 -0.44 -4.09 -6.57
CA THR B 106 -1.39 -3.98 -7.67
C THR B 106 -0.72 -4.32 -8.99
N ASP B 107 0.51 -3.87 -9.17
CA ASP B 107 1.25 -4.18 -10.39
C ASP B 107 1.39 -5.68 -10.55
N PHE B 108 1.65 -6.39 -9.46
CA PHE B 108 1.82 -7.83 -9.53
C PHE B 108 0.59 -8.52 -10.09
N ILE B 109 -0.58 -8.24 -9.52
CA ILE B 109 -1.76 -8.95 -9.98
C ILE B 109 -2.15 -8.49 -11.38
N LYS B 110 -1.88 -7.22 -11.72
CA LYS B 110 -2.23 -6.74 -13.05
C LYS B 110 -1.29 -7.28 -14.11
N LYS B 111 -0.03 -7.53 -13.75
CA LYS B 111 0.96 -7.94 -14.74
C LYS B 111 0.54 -9.24 -15.40
N ASP B 112 0.36 -10.29 -14.59
CA ASP B 112 0.00 -11.60 -15.11
C ASP B 112 -1.52 -11.58 -15.18
N TRP B 113 -2.03 -11.10 -16.32
CA TRP B 113 -3.48 -11.05 -16.50
C TRP B 113 -4.08 -12.45 -16.59
N THR B 114 -3.29 -13.43 -17.04
CA THR B 114 -3.83 -14.74 -17.32
C THR B 114 -4.18 -15.56 -16.07
N ASN B 115 -3.87 -15.08 -14.88
CA ASN B 115 -3.98 -15.91 -13.66
C ASN B 115 -5.38 -15.75 -13.08
N TYR B 116 -6.15 -16.83 -13.09
CA TYR B 116 -7.42 -16.88 -12.39
C TYR B 116 -7.23 -17.35 -10.94
N GLU B 117 -6.59 -18.49 -10.75
CA GLU B 117 -6.39 -19.07 -9.42
C GLU B 117 -5.02 -18.69 -8.88
N LEU B 118 -4.89 -17.41 -8.53
CA LEU B 118 -3.66 -16.95 -7.89
C LEU B 118 -3.67 -17.24 -6.39
N ASP B 119 -4.83 -17.48 -5.80
CA ASP B 119 -4.91 -17.74 -4.37
C ASP B 119 -4.20 -19.02 -4.00
N GLY B 120 -4.26 -20.04 -4.86
CA GLY B 120 -3.62 -21.29 -4.53
C GLY B 120 -2.11 -21.20 -4.62
N LEU B 121 -1.61 -20.34 -5.50
CA LEU B 121 -0.18 -20.29 -5.77
C LEU B 121 0.63 -19.86 -4.56
N VAL B 122 0.07 -19.01 -3.70
CA VAL B 122 0.83 -18.45 -2.58
C VAL B 122 1.00 -19.41 -1.43
N ALA B 123 0.41 -20.61 -1.51
CA ALA B 123 0.69 -21.66 -0.55
C ALA B 123 1.20 -22.93 -1.22
N ARG B 124 1.73 -22.79 -2.44
CA ARG B 124 2.20 -23.96 -3.19
C ARG B 124 3.32 -24.65 -2.44
N GLU B 125 3.32 -25.98 -2.47
CA GLU B 125 4.35 -26.77 -1.80
C GLU B 125 4.87 -27.87 -2.71
N MET B 126 6.20 -28.01 -2.77
CA MET B 126 6.86 -29.05 -3.53
C MET B 126 8.04 -29.60 -2.73
N ASN B 127 8.15 -30.93 -2.69
CA ASN B 127 9.15 -31.64 -1.88
C ASN B 127 8.91 -31.22 -0.44
N GLY B 128 9.93 -30.77 0.29
CA GLY B 128 9.71 -30.29 1.65
C GLY B 128 9.85 -28.77 1.69
N HIS B 129 9.51 -28.15 0.57
CA HIS B 129 9.62 -26.72 0.40
C HIS B 129 8.22 -26.17 0.31
N LYS B 130 7.99 -24.99 0.88
CA LYS B 130 6.66 -24.43 0.97
C LYS B 130 6.70 -22.94 0.71
N MET B 131 5.63 -22.43 0.12
CA MET B 131 5.46 -21.00 -0.08
C MET B 131 4.75 -20.43 1.16
N ILE B 132 5.35 -19.41 1.76
CA ILE B 132 4.87 -18.91 3.03
C ILE B 132 4.74 -17.39 2.99
N LEU B 133 3.91 -16.88 3.89
CA LEU B 133 3.77 -15.46 4.19
C LEU B 133 3.78 -14.56 2.96
N PRO B 134 2.69 -14.48 2.21
CA PRO B 134 2.62 -13.46 1.16
C PRO B 134 2.79 -12.07 1.76
N ILE B 135 3.36 -11.16 0.99
CA ILE B 135 3.57 -9.80 1.45
C ILE B 135 2.70 -8.87 0.61
N TRP B 136 1.64 -8.36 1.22
CA TRP B 136 0.80 -7.30 0.65
C TRP B 136 1.61 -6.02 0.68
N HIS B 137 1.96 -5.47 -0.47
CA HIS B 137 2.90 -4.36 -0.52
C HIS B 137 2.18 -3.04 -0.86
N LYS B 138 1.78 -2.85 -2.12
CA LYS B 138 1.11 -1.62 -2.52
C LYS B 138 -0.16 -2.02 -3.25
N ILE B 139 -1.11 -2.57 -2.49
CA ILE B 139 -2.32 -3.14 -3.04
C ILE B 139 -3.48 -2.63 -2.20
N THR B 140 -4.67 -2.66 -2.81
CA THR B 140 -5.89 -2.26 -2.13
C THR B 140 -6.69 -3.51 -1.79
N LYS B 141 -7.49 -3.41 -0.73
CA LYS B 141 -8.41 -4.49 -0.41
C LYS B 141 -9.38 -4.72 -1.57
N ASN B 142 -9.79 -3.64 -2.22
CA ASN B 142 -10.71 -3.74 -3.34
C ASN B 142 -10.07 -4.49 -4.50
N ASP B 143 -8.80 -4.21 -4.76
CA ASP B 143 -8.09 -4.89 -5.84
C ASP B 143 -8.04 -6.39 -5.58
N VAL B 144 -7.69 -6.76 -4.35
CA VAL B 144 -7.65 -8.18 -3.98
C VAL B 144 -9.03 -8.79 -4.14
N LEU B 145 -10.07 -8.06 -3.75
CA LEU B 145 -11.42 -8.58 -3.90
C LEU B 145 -11.74 -8.84 -5.36
N ASP B 146 -11.27 -7.98 -6.26
CA ASP B 146 -11.59 -8.16 -7.67
C ASP B 146 -10.87 -9.38 -8.24
N TYR B 147 -9.54 -9.45 -8.08
CA TYR B 147 -8.81 -10.53 -8.74
C TYR B 147 -9.01 -11.86 -8.01
N SER B 148 -8.62 -11.94 -6.73
CA SER B 148 -8.75 -13.18 -5.97
C SER B 148 -9.33 -12.92 -4.59
N PRO B 149 -10.66 -13.05 -4.44
CA PRO B 149 -11.25 -12.83 -3.11
C PRO B 149 -10.66 -13.76 -2.06
N ASN B 150 -10.29 -14.97 -2.45
CA ASN B 150 -9.82 -15.97 -1.48
C ASN B 150 -8.53 -15.51 -0.82
N LEU B 151 -7.75 -14.70 -1.53
CA LEU B 151 -6.48 -14.23 -1.00
C LEU B 151 -6.69 -13.46 0.29
N ALA B 152 -7.88 -12.91 0.48
CA ALA B 152 -8.11 -12.07 1.65
C ALA B 152 -7.97 -12.88 2.94
N ASP B 153 -8.29 -14.17 2.90
CA ASP B 153 -8.25 -14.94 4.16
C ASP B 153 -7.00 -15.80 4.24
N LYS B 154 -5.85 -15.17 4.00
CA LYS B 154 -4.57 -15.84 4.07
C LYS B 154 -3.69 -15.16 5.10
N VAL B 155 -2.80 -15.94 5.70
CA VAL B 155 -1.82 -15.36 6.61
C VAL B 155 -0.85 -14.57 5.74
N ALA B 156 -0.71 -13.27 6.04
CA ALA B 156 0.13 -12.43 5.20
C ALA B 156 0.74 -11.33 6.04
N LEU B 157 1.63 -10.57 5.41
CA LEU B 157 2.28 -9.41 5.99
C LEU B 157 1.86 -8.19 5.17
N ASN B 158 1.83 -7.02 5.80
CA ASN B 158 1.43 -5.79 5.11
C ASN B 158 2.49 -4.73 5.35
N THR B 159 3.08 -4.21 4.26
CA THR B 159 4.14 -3.23 4.42
C THR B 159 3.64 -1.87 4.87
N SER B 160 2.32 -1.61 4.84
CA SER B 160 1.84 -0.35 5.36
C SER B 160 1.93 -0.32 6.88
N VAL B 161 1.65 -1.46 7.50
CA VAL B 161 1.69 -1.56 8.95
C VAL B 161 3.01 -2.08 9.48
N ASN B 162 3.79 -2.75 8.64
CA ASN B 162 5.04 -3.39 9.08
C ASN B 162 6.20 -2.85 8.27
N SER B 163 7.33 -2.65 8.94
CA SER B 163 8.52 -2.14 8.29
C SER B 163 9.30 -3.27 7.65
N ILE B 164 10.33 -2.90 6.89
CA ILE B 164 11.18 -3.90 6.27
C ILE B 164 11.88 -4.74 7.34
N GLU B 165 12.36 -4.09 8.40
CA GLU B 165 13.01 -4.82 9.48
C GLU B 165 12.05 -5.80 10.14
N GLU B 166 10.83 -5.37 10.44
CA GLU B 166 9.86 -6.26 11.07
C GLU B 166 9.53 -7.43 10.16
N ILE B 167 9.35 -7.16 8.86
CA ILE B 167 8.99 -8.20 7.91
C ILE B 167 10.13 -9.19 7.78
N ALA B 168 11.35 -8.68 7.75
CA ALA B 168 12.51 -9.56 7.66
C ALA B 168 12.64 -10.40 8.91
N HIS B 169 12.36 -9.82 10.09
CA HIS B 169 12.42 -10.60 11.32
C HIS B 169 11.38 -11.71 11.31
N GLN B 170 10.20 -11.42 10.76
CA GLN B 170 9.15 -12.44 10.68
C GLN B 170 9.61 -13.60 9.80
N LEU B 171 10.04 -13.29 8.58
CA LEU B 171 10.50 -14.34 7.68
C LEU B 171 11.69 -15.10 8.28
N ALA B 172 12.59 -14.40 8.97
CA ALA B 172 13.72 -15.03 9.60
C ALA B 172 13.30 -15.91 10.77
N ASP B 173 12.25 -15.49 11.49
CA ASP B 173 11.70 -16.34 12.54
C ASP B 173 11.26 -17.68 11.98
N VAL B 174 10.59 -17.65 10.83
CA VAL B 174 10.10 -18.89 10.25
C VAL B 174 11.25 -19.72 9.69
N ILE B 175 12.11 -19.10 8.87
CA ILE B 175 13.15 -19.85 8.16
C ILE B 175 14.21 -20.41 9.11
N LEU B 176 14.47 -19.72 10.22
CA LEU B 176 15.52 -20.11 11.14
C LEU B 176 14.99 -20.92 12.31
N ASN B 177 13.72 -21.38 12.23
CA ASN B 177 13.11 -22.19 13.28
C ASN B 177 13.38 -21.59 14.66
N ARG B 178 13.12 -20.30 14.78
CA ARG B 178 13.31 -19.59 16.04
C ARG B 178 12.05 -19.76 16.89
N HIS B 179 12.22 -19.56 18.20
CA HIS B 179 11.19 -19.89 19.19
C HIS B 179 10.44 -21.15 18.77
N HIS B 180 11.15 -22.28 18.79
CA HIS B 180 10.59 -23.60 18.52
C HIS B 180 11.62 -24.65 18.91
#